data_8V70
#
_entry.id   8V70
#
_cell.length_a   78.091
_cell.length_b   78.091
_cell.length_c   84.812
_cell.angle_alpha   90.00
_cell.angle_beta   90.00
_cell.angle_gamma   90.00
#
_symmetry.space_group_name_H-M   'P 42 21 2'
#
loop_
_entity.id
_entity.type
_entity.pdbx_description
1 polymer 'Inositol polyphosphate multikinase'
2 non-polymer (5P)-3-phenyl-5-(1H-tetrazol-5-yl)-2,1-benzoxazole
3 non-polymer 'SULFATE ION'
4 water water
#
_entity_poly.entity_id   1
_entity_poly.type   'polypeptide(L)'
_entity_poly.pdbx_seq_one_letter_code
;GSFTSHQVAGHMYGKDKVGILQHPDGTVLKQLQPPPRGPRELEFYNMVYAADCFDGVLLELRKYLPKYYGIWSPPTAPND
LYLKLEDVTHKFNKPCIMDVKIGQKSYDPFASSEKIQQQVSKYPLMEEIGFLVLGMRVYHVHSDSYETENQHYGRSLTKE
TIKDGVSRFFHNGYCLRKDAVAASIQKIEKILQWFENQKQLNFYASSLLFVYEGSSQGGSGGEVEVRMIDFAHVFPSNTI
DEGYVYGLKHLISVLRSILDN
;
_entity_poly.pdbx_strand_id   A
#
loop_
_chem_comp.id
_chem_comp.type
_chem_comp.name
_chem_comp.formula
SO4 non-polymer 'SULFATE ION' 'O4 S -2'
YHW non-polymer (5P)-3-phenyl-5-(1H-tetrazol-5-yl)-2,1-benzoxazole 'C14 H9 N5 O'
#
# COMPACT_ATOMS: atom_id res chain seq x y z
N ILE A 20 -7.90 -0.74 -11.83
CA ILE A 20 -7.33 -2.10 -11.55
C ILE A 20 -8.26 -3.14 -12.18
N LEU A 21 -7.78 -3.76 -13.27
CA LEU A 21 -8.46 -4.90 -13.89
C LEU A 21 -7.76 -6.17 -13.44
N GLN A 22 -8.52 -7.06 -12.79
CA GLN A 22 -8.01 -8.33 -12.30
C GLN A 22 -8.07 -9.35 -13.44
N HIS A 23 -6.90 -9.85 -13.85
CA HIS A 23 -6.79 -10.72 -15.02
C HIS A 23 -6.63 -12.18 -14.56
N PRO A 24 -7.40 -13.13 -15.14
CA PRO A 24 -7.32 -14.55 -14.75
C PRO A 24 -5.96 -15.25 -14.77
N ASP A 25 -4.92 -14.59 -15.29
CA ASP A 25 -3.59 -15.16 -15.39
C ASP A 25 -2.75 -14.80 -14.16
N GLY A 26 -3.39 -14.24 -13.12
CA GLY A 26 -2.71 -13.89 -11.89
C GLY A 26 -2.00 -12.54 -11.95
N THR A 27 -2.35 -11.72 -12.96
CA THR A 27 -1.85 -10.36 -13.03
C THR A 27 -3.02 -9.40 -12.87
N VAL A 28 -2.67 -8.14 -12.59
CA VAL A 28 -3.60 -7.03 -12.65
C VAL A 28 -3.11 -6.07 -13.73
N LEU A 29 -4.05 -5.38 -14.37
CA LEU A 29 -3.73 -4.28 -15.27
C LEU A 29 -4.19 -2.99 -14.60
N LYS A 30 -3.24 -2.13 -14.25
CA LYS A 30 -3.54 -0.81 -13.71
C LYS A 30 -3.44 0.22 -14.82
N GLN A 31 -4.55 0.92 -15.09
CA GLN A 31 -4.56 2.00 -16.05
C GLN A 31 -3.73 3.16 -15.51
N LEU A 32 -2.81 3.68 -16.33
CA LEU A 32 -2.03 4.86 -15.97
C LEU A 32 -2.99 6.00 -15.63
N GLN A 33 -2.76 6.63 -14.48
CA GLN A 33 -3.46 7.85 -14.09
C GLN A 33 -3.13 8.96 -15.08
N PRO A 34 -3.95 10.04 -15.16
CA PRO A 34 -3.62 11.20 -15.98
C PRO A 34 -2.26 11.79 -15.61
N PRO A 35 -1.60 12.53 -16.53
CA PRO A 35 -0.30 13.12 -16.23
C PRO A 35 -0.44 14.23 -15.19
N PRO A 36 0.58 14.47 -14.34
CA PRO A 36 1.87 13.76 -14.43
C PRO A 36 1.96 12.43 -13.67
N ARG A 37 0.88 12.03 -12.99
CA ARG A 37 0.92 10.94 -12.02
C ARG A 37 1.19 9.60 -12.70
N GLY A 38 0.39 9.26 -13.73
CA GLY A 38 0.55 8.02 -14.45
C GLY A 38 1.96 7.84 -15.02
N PRO A 39 2.45 8.79 -15.84
CA PRO A 39 3.83 8.76 -16.34
C PRO A 39 4.91 8.57 -15.28
N ARG A 40 4.75 9.20 -14.11
CA ARG A 40 5.73 9.10 -13.04
C ARG A 40 5.76 7.66 -12.50
N GLU A 41 4.59 7.02 -12.41
CA GLU A 41 4.51 5.64 -11.90
C GLU A 41 5.14 4.68 -12.89
N LEU A 42 4.92 4.90 -14.20
CA LEU A 42 5.59 4.11 -15.23
C LEU A 42 7.11 4.25 -15.08
N GLU A 43 7.58 5.50 -14.93
CA GLU A 43 8.99 5.82 -14.77
C GLU A 43 9.57 5.09 -13.56
N PHE A 44 8.80 5.04 -12.46
CA PHE A 44 9.26 4.38 -11.24
C PHE A 44 9.52 2.89 -11.48
N TYR A 45 8.52 2.19 -12.02
CA TYR A 45 8.63 0.76 -12.27
C TYR A 45 9.77 0.48 -13.25
N ASN A 46 9.98 1.38 -14.23
CA ASN A 46 11.04 1.24 -15.22
C ASN A 46 12.41 1.39 -14.56
N MET A 47 12.56 2.35 -13.64
CA MET A 47 13.81 2.54 -12.91
C MET A 47 14.14 1.29 -12.10
N VAL A 48 13.16 0.79 -11.35
CA VAL A 48 13.37 -0.28 -10.38
C VAL A 48 13.69 -1.58 -11.11
N TYR A 49 12.88 -1.92 -12.12
CA TYR A 49 12.96 -3.21 -12.80
C TYR A 49 13.74 -3.08 -14.10
N ALA A 50 14.71 -2.15 -14.14
CA ALA A 50 15.54 -1.97 -15.32
C ALA A 50 16.36 -3.25 -15.55
N ALA A 51 16.52 -3.61 -16.83
CA ALA A 51 17.20 -4.84 -17.23
C ALA A 51 18.68 -4.78 -16.86
N ASP A 52 19.23 -3.57 -16.73
CA ASP A 52 20.65 -3.36 -16.50
C ASP A 52 20.92 -2.92 -15.05
N CYS A 53 19.86 -2.81 -14.23
CA CYS A 53 19.97 -2.26 -12.89
C CYS A 53 20.69 -3.25 -11.95
N PHE A 54 21.81 -2.78 -11.38
CA PHE A 54 22.49 -3.48 -10.30
C PHE A 54 22.71 -2.53 -9.12
N ASP A 55 21.67 -1.74 -8.81
CA ASP A 55 21.64 -0.90 -7.62
C ASP A 55 21.11 -1.73 -6.45
N GLY A 56 21.94 -1.93 -5.42
CA GLY A 56 21.62 -2.82 -4.31
C GLY A 56 20.33 -2.45 -3.59
N VAL A 57 20.12 -1.15 -3.39
CA VAL A 57 18.91 -0.64 -2.75
C VAL A 57 17.70 -1.02 -3.60
N LEU A 58 17.75 -0.74 -4.90
CA LEU A 58 16.62 -0.98 -5.79
C LEU A 58 16.39 -2.49 -5.98
N LEU A 59 17.45 -3.29 -5.86
CA LEU A 59 17.33 -4.74 -5.97
C LEU A 59 16.53 -5.30 -4.81
N GLU A 60 16.79 -4.81 -3.58
CA GLU A 60 16.04 -5.25 -2.41
C GLU A 60 14.60 -4.75 -2.51
N LEU A 61 14.39 -3.55 -3.07
CA LEU A 61 13.07 -2.95 -3.14
C LEU A 61 12.10 -3.83 -3.95
N ARG A 62 12.61 -4.54 -4.97
CA ARG A 62 11.80 -5.41 -5.82
C ARG A 62 11.04 -6.46 -5.01
N LYS A 63 11.62 -6.90 -3.89
CA LYS A 63 11.02 -7.92 -3.04
C LYS A 63 9.66 -7.48 -2.49
N TYR A 64 9.47 -6.16 -2.32
CA TYR A 64 8.34 -5.61 -1.60
C TYR A 64 7.31 -5.02 -2.55
N LEU A 65 7.65 -4.99 -3.85
CA LEU A 65 6.77 -4.47 -4.88
C LEU A 65 6.02 -5.64 -5.53
N PRO A 66 4.90 -5.39 -6.24
CA PRO A 66 4.37 -6.38 -7.17
C PRO A 66 5.45 -6.61 -8.24
N LYS A 67 5.59 -7.85 -8.71
CA LYS A 67 6.39 -8.12 -9.89
C LYS A 67 5.88 -7.24 -11.04
N TYR A 68 6.82 -6.76 -11.87
CA TYR A 68 6.50 -5.87 -12.97
C TYR A 68 6.79 -6.58 -14.30
N TYR A 69 5.81 -6.55 -15.21
CA TYR A 69 5.89 -7.27 -16.47
C TYR A 69 5.96 -6.29 -17.65
N GLY A 70 6.23 -5.03 -17.35
CA GLY A 70 6.37 -4.00 -18.38
C GLY A 70 5.06 -3.28 -18.67
N ILE A 71 5.13 -2.34 -19.60
CA ILE A 71 3.97 -1.59 -20.06
C ILE A 71 3.15 -2.48 -20.99
N TRP A 72 1.82 -2.38 -20.88
CA TRP A 72 0.91 -3.06 -21.79
C TRP A 72 -0.14 -2.07 -22.29
N SER A 73 -0.53 -2.24 -23.56
N SER A 73 -0.55 -2.24 -23.56
CA SER A 73 -1.63 -1.49 -24.16
CA SER A 73 -1.63 -1.48 -24.15
C SER A 73 -2.43 -2.42 -25.07
C SER A 73 -2.42 -2.41 -25.07
N PRO A 74 -3.75 -2.21 -25.24
CA PRO A 74 -4.55 -3.06 -26.12
C PRO A 74 -4.00 -3.02 -27.56
N PRO A 75 -3.92 -4.18 -28.24
CA PRO A 75 -3.42 -4.25 -29.62
C PRO A 75 -3.85 -3.12 -30.55
N THR A 76 -5.10 -2.65 -30.38
CA THR A 76 -5.69 -1.66 -31.27
C THR A 76 -5.77 -0.27 -30.63
N ALA A 77 -5.15 -0.09 -29.46
CA ALA A 77 -5.27 1.16 -28.73
C ALA A 77 -3.95 1.48 -28.01
N PRO A 78 -2.89 1.84 -28.76
CA PRO A 78 -1.59 2.18 -28.15
C PRO A 78 -1.62 3.39 -27.21
N ASN A 79 -2.69 4.20 -27.31
CA ASN A 79 -2.93 5.33 -26.43
C ASN A 79 -3.25 4.88 -25.00
N ASP A 80 -3.87 3.70 -24.86
CA ASP A 80 -4.45 3.27 -23.60
C ASP A 80 -3.40 2.49 -22.79
N LEU A 81 -2.66 3.19 -21.93
CA LEU A 81 -1.49 2.65 -21.28
C LEU A 81 -1.86 1.99 -19.95
N TYR A 82 -1.29 0.80 -19.72
CA TYR A 82 -1.43 0.08 -18.46
C TYR A 82 -0.06 -0.39 -17.97
N LEU A 83 0.03 -0.60 -16.66
CA LEU A 83 1.09 -1.38 -16.07
C LEU A 83 0.54 -2.79 -15.85
N LYS A 84 1.31 -3.79 -16.28
CA LYS A 84 1.01 -5.18 -15.99
C LYS A 84 1.77 -5.56 -14.72
N LEU A 85 1.03 -5.86 -13.66
CA LEU A 85 1.58 -6.12 -12.34
C LEU A 85 1.08 -7.46 -11.82
N GLU A 86 1.89 -8.08 -10.95
CA GLU A 86 1.48 -9.24 -10.18
C GLU A 86 0.20 -8.94 -9.40
N ASP A 87 -0.76 -9.86 -9.44
CA ASP A 87 -1.90 -9.84 -8.54
C ASP A 87 -1.49 -10.49 -7.23
N VAL A 88 -1.32 -9.65 -6.21
CA VAL A 88 -0.78 -10.07 -4.92
C VAL A 88 -1.82 -10.91 -4.16
N THR A 89 -3.08 -10.91 -4.64
CA THR A 89 -4.17 -11.65 -4.01
C THR A 89 -4.34 -13.03 -4.65
N HIS A 90 -3.60 -13.28 -5.75
CA HIS A 90 -3.79 -14.44 -6.63
C HIS A 90 -3.76 -15.76 -5.88
N LYS A 91 -2.85 -15.90 -4.91
CA LYS A 91 -2.59 -17.20 -4.29
C LYS A 91 -3.56 -17.49 -3.15
N PHE A 92 -4.58 -16.63 -2.97
CA PHE A 92 -5.54 -16.80 -1.88
C PHE A 92 -6.87 -17.33 -2.41
N ASN A 93 -7.59 -18.06 -1.55
CA ASN A 93 -8.91 -18.58 -1.89
C ASN A 93 -9.96 -17.50 -1.64
N LYS A 94 -10.06 -17.05 -0.37
CA LYS A 94 -10.93 -15.94 0.01
C LYS A 94 -10.08 -14.84 0.62
N PRO A 95 -9.36 -14.04 -0.21
CA PRO A 95 -8.46 -13.03 0.34
C PRO A 95 -9.22 -11.95 1.10
N CYS A 96 -8.70 -11.61 2.29
CA CYS A 96 -9.06 -10.38 2.99
C CYS A 96 -7.99 -9.35 2.65
N ILE A 97 -8.42 -8.17 2.17
CA ILE A 97 -7.55 -7.18 1.57
C ILE A 97 -7.74 -5.85 2.28
N MET A 98 -6.63 -5.17 2.62
CA MET A 98 -6.68 -3.82 3.16
C MET A 98 -5.59 -2.98 2.51
N ASP A 99 -5.97 -1.79 2.04
CA ASP A 99 -5.04 -0.81 1.48
C ASP A 99 -4.85 0.31 2.50
N VAL A 100 -3.59 0.56 2.87
CA VAL A 100 -3.23 1.58 3.84
C VAL A 100 -2.22 2.54 3.20
N LYS A 101 -2.61 3.80 3.05
CA LYS A 101 -1.73 4.87 2.60
C LYS A 101 -0.76 5.24 3.74
N ILE A 102 0.53 5.36 3.42
CA ILE A 102 1.57 5.57 4.42
C ILE A 102 2.17 6.97 4.26
N GLY A 103 2.48 7.61 5.41
CA GLY A 103 3.24 8.85 5.45
C GLY A 103 2.52 9.95 6.20
N GLN A 104 3.26 11.01 6.56
CA GLN A 104 2.69 12.16 7.23
C GLN A 104 2.11 13.15 6.21
N LYS A 105 2.65 13.12 4.99
CA LYS A 105 2.21 14.01 3.91
C LYS A 105 1.75 13.18 2.73
N SER A 106 0.55 13.49 2.22
N SER A 106 0.55 13.48 2.22
CA SER A 106 -0.01 12.88 1.03
CA SER A 106 0.01 12.88 1.02
C SER A 106 0.23 13.77 -0.20
C SER A 106 0.32 13.73 -0.21
N TYR A 107 0.72 14.99 0.02
CA TYR A 107 1.14 15.87 -1.05
C TYR A 107 2.64 15.70 -1.25
N ASP A 108 3.12 15.98 -2.47
CA ASP A 108 4.53 15.76 -2.79
C ASP A 108 5.28 17.09 -2.68
N PRO A 109 6.64 17.08 -2.74
CA PRO A 109 7.43 18.28 -2.51
C PRO A 109 7.27 19.43 -3.51
N PHE A 110 6.47 19.23 -4.56
CA PHE A 110 6.31 20.24 -5.61
C PHE A 110 4.83 20.55 -5.83
N ALA A 111 4.02 20.38 -4.77
CA ALA A 111 2.61 20.71 -4.80
C ALA A 111 2.44 22.21 -4.56
N SER A 112 1.39 22.80 -5.16
CA SER A 112 1.02 24.18 -4.93
C SER A 112 0.27 24.30 -3.60
N SER A 113 0.13 25.53 -3.09
CA SER A 113 -0.58 25.78 -1.84
C SER A 113 -1.99 25.19 -1.91
N GLU A 114 -2.66 25.43 -3.05
CA GLU A 114 -3.97 24.88 -3.33
C GLU A 114 -3.95 23.37 -3.18
N LYS A 115 -2.97 22.72 -3.83
CA LYS A 115 -2.85 21.28 -3.88
C LYS A 115 -2.58 20.71 -2.48
N ILE A 116 -1.75 21.40 -1.70
CA ILE A 116 -1.45 20.98 -0.34
C ILE A 116 -2.73 21.01 0.50
N GLN A 117 -3.51 22.08 0.36
CA GLN A 117 -4.74 22.24 1.13
C GLN A 117 -5.73 21.13 0.79
N GLN A 118 -5.85 20.80 -0.51
CA GLN A 118 -6.69 19.70 -0.96
C GLN A 118 -6.31 18.42 -0.22
N GLN A 119 -5.01 18.10 -0.19
CA GLN A 119 -4.53 16.83 0.34
C GLN A 119 -4.67 16.75 1.86
N VAL A 120 -4.33 17.83 2.56
CA VAL A 120 -4.35 17.84 4.02
C VAL A 120 -5.81 17.74 4.50
N SER A 121 -6.73 18.37 3.75
CA SER A 121 -8.14 18.43 4.12
C SER A 121 -8.80 17.05 4.04
N LYS A 122 -8.27 16.18 3.15
CA LYS A 122 -8.79 14.83 3.00
C LYS A 122 -8.60 14.04 4.30
N TYR A 123 -7.47 14.26 4.98
CA TYR A 123 -7.21 13.65 6.26
C TYR A 123 -6.22 14.51 7.03
N PRO A 124 -6.68 15.47 7.87
CA PRO A 124 -5.78 16.36 8.60
C PRO A 124 -5.04 15.67 9.75
N LEU A 125 -5.38 14.40 10.01
CA LEU A 125 -4.71 13.61 11.02
C LEU A 125 -3.52 12.86 10.43
N MET A 126 -3.25 13.06 9.13
CA MET A 126 -2.21 12.32 8.42
C MET A 126 -0.85 12.58 9.07
N GLU A 127 -0.57 13.85 9.43
CA GLU A 127 0.66 14.22 10.12
C GLU A 127 0.71 13.53 11.49
N GLU A 128 -0.44 13.49 12.17
CA GLU A 128 -0.54 12.98 13.53
C GLU A 128 -0.43 11.45 13.56
N ILE A 129 -1.08 10.78 12.60
CA ILE A 129 -1.19 9.32 12.65
C ILE A 129 -0.16 8.68 11.71
N GLY A 130 0.03 9.25 10.52
CA GLY A 130 1.08 8.79 9.62
C GLY A 130 0.63 7.64 8.72
N PHE A 131 -0.67 7.33 8.74
CA PHE A 131 -1.25 6.37 7.82
C PHE A 131 -2.75 6.59 7.74
N LEU A 132 -3.35 6.12 6.63
CA LEU A 132 -4.78 6.25 6.37
C LEU A 132 -5.26 4.98 5.68
N VAL A 133 -6.29 4.34 6.25
CA VAL A 133 -6.90 3.17 5.65
C VAL A 133 -7.76 3.63 4.47
N LEU A 134 -7.39 3.20 3.26
CA LEU A 134 -8.11 3.58 2.04
C LEU A 134 -9.32 2.68 1.84
N GLY A 135 -9.22 1.42 2.28
CA GLY A 135 -10.34 0.49 2.22
C GLY A 135 -9.95 -0.90 2.72
N MET A 136 -10.96 -1.75 2.92
CA MET A 136 -10.72 -3.15 3.20
C MET A 136 -11.88 -3.98 2.64
N ARG A 137 -11.54 -5.21 2.21
CA ARG A 137 -12.51 -6.25 1.94
C ARG A 137 -12.22 -7.40 2.91
N VAL A 138 -13.23 -7.77 3.72
CA VAL A 138 -13.08 -8.79 4.74
C VAL A 138 -14.10 -9.89 4.49
N TYR A 139 -13.61 -11.13 4.30
CA TYR A 139 -14.48 -12.28 4.15
C TYR A 139 -14.93 -12.75 5.54
N HIS A 140 -16.24 -13.01 5.68
CA HIS A 140 -16.80 -13.55 6.90
C HIS A 140 -17.27 -14.97 6.65
N VAL A 141 -16.69 -15.92 7.41
CA VAL A 141 -17.03 -17.34 7.33
C VAL A 141 -18.49 -17.49 7.74
N HIS A 142 -18.76 -17.11 8.99
CA HIS A 142 -20.09 -16.76 9.50
C HIS A 142 -21.16 -16.78 8.41
N SER A 143 -21.11 -15.80 7.51
CA SER A 143 -22.22 -15.54 6.59
C SER A 143 -21.87 -15.92 5.16
N ASP A 144 -20.64 -16.40 4.93
CA ASP A 144 -20.14 -16.70 3.59
C ASP A 144 -20.32 -15.47 2.70
N SER A 145 -19.73 -14.35 3.12
CA SER A 145 -19.90 -13.07 2.41
C SER A 145 -18.78 -12.11 2.77
N TYR A 146 -18.69 -11.02 1.99
CA TYR A 146 -17.64 -10.02 2.15
C TYR A 146 -18.19 -8.75 2.80
N GLU A 147 -17.39 -8.16 3.69
CA GLU A 147 -17.63 -6.84 4.26
C GLU A 147 -16.68 -5.86 3.58
N THR A 148 -17.22 -4.75 3.05
CA THR A 148 -16.44 -3.77 2.32
C THR A 148 -16.50 -2.41 3.00
N GLU A 149 -15.31 -1.84 3.30
CA GLU A 149 -15.21 -0.46 3.77
C GLU A 149 -14.51 0.37 2.69
N ASN A 150 -14.91 1.64 2.58
CA ASN A 150 -14.47 2.52 1.51
C ASN A 150 -13.55 3.61 2.10
N GLN A 151 -13.28 4.65 1.30
CA GLN A 151 -12.37 5.73 1.65
C GLN A 151 -12.83 6.47 2.90
N HIS A 152 -14.16 6.59 3.06
CA HIS A 152 -14.75 7.37 4.14
C HIS A 152 -14.55 6.70 5.50
N TYR A 153 -14.37 5.37 5.51
CA TYR A 153 -14.17 4.61 6.74
C TYR A 153 -12.89 5.08 7.43
N GLY A 154 -11.75 4.93 6.75
CA GLY A 154 -10.46 5.28 7.31
C GLY A 154 -10.33 6.77 7.64
N ARG A 155 -10.94 7.61 6.81
CA ARG A 155 -10.88 9.06 6.98
C ARG A 155 -11.67 9.50 8.20
N SER A 156 -12.54 8.60 8.73
CA SER A 156 -13.35 8.89 9.89
C SER A 156 -12.64 8.50 11.19
N LEU A 157 -11.52 7.77 11.08
CA LEU A 157 -10.80 7.28 12.25
C LEU A 157 -9.96 8.41 12.84
N THR A 158 -10.06 8.57 14.16
CA THR A 158 -9.26 9.54 14.90
C THR A 158 -8.25 8.76 15.74
N LYS A 159 -7.52 9.48 16.60
CA LYS A 159 -6.58 8.85 17.52
C LYS A 159 -7.39 7.98 18.50
N THR A 161 -10.20 5.50 18.19
CA THR A 161 -10.83 4.67 17.17
C THR A 161 -9.89 4.10 16.09
N ILE A 162 -8.63 4.53 15.97
CA ILE A 162 -7.75 3.96 14.96
C ILE A 162 -7.48 2.49 15.27
N LYS A 163 -7.27 2.15 16.55
CA LYS A 163 -6.95 0.78 16.92
C LYS A 163 -8.12 -0.13 16.54
N ASP A 164 -9.35 0.26 16.88
CA ASP A 164 -10.55 -0.50 16.55
C ASP A 164 -10.79 -0.50 15.04
N GLY A 165 -10.43 0.61 14.39
CA GLY A 165 -10.62 0.76 12.96
C GLY A 165 -9.77 -0.24 12.17
N VAL A 166 -8.52 -0.42 12.59
CA VAL A 166 -7.62 -1.40 11.98
C VAL A 166 -8.02 -2.82 12.37
N SER A 167 -8.45 -3.02 13.62
N SER A 167 -8.41 -3.00 13.64
CA SER A 167 -8.75 -4.35 14.13
CA SER A 167 -8.79 -4.31 14.17
C SER A 167 -9.90 -4.99 13.36
C SER A 167 -9.86 -4.97 13.30
N ARG A 168 -10.80 -4.17 12.79
CA ARG A 168 -11.93 -4.67 12.02
C ARG A 168 -11.47 -5.58 10.86
N PHE A 169 -10.33 -5.25 10.25
CA PHE A 169 -9.78 -5.99 9.14
C PHE A 169 -9.51 -7.45 9.51
N PHE A 170 -9.21 -7.69 10.79
CA PHE A 170 -8.68 -8.96 11.27
C PHE A 170 -9.75 -9.78 11.99
N HIS A 171 -11.03 -9.41 11.82
CA HIS A 171 -12.14 -10.17 12.39
C HIS A 171 -12.62 -11.18 11.37
N ASN A 172 -12.16 -12.43 11.50
CA ASN A 172 -12.40 -13.49 10.55
C ASN A 172 -12.20 -14.85 11.22
N GLY A 173 -13.03 -15.83 10.84
CA GLY A 173 -12.91 -17.20 11.33
C GLY A 173 -13.33 -17.35 12.79
N TYR A 174 -14.36 -16.60 13.18
CA TYR A 174 -14.95 -16.66 14.52
C TYR A 174 -13.92 -16.24 15.58
N CYS A 175 -13.03 -15.31 15.23
CA CYS A 175 -11.98 -14.86 16.14
C CYS A 175 -11.32 -13.58 15.62
N LEU A 176 -10.44 -13.01 16.46
CA LEU A 176 -9.48 -12.02 16.03
C LEU A 176 -8.25 -12.75 15.51
N ARG A 177 -7.90 -12.52 14.24
CA ARG A 177 -6.82 -13.25 13.57
C ARG A 177 -5.46 -12.68 13.99
N LYS A 178 -5.02 -12.98 15.21
CA LYS A 178 -3.77 -12.47 15.73
C LYS A 178 -2.58 -13.05 14.95
N ASP A 179 -2.76 -14.22 14.33
CA ASP A 179 -1.76 -14.79 13.44
C ASP A 179 -1.49 -13.85 12.26
N ALA A 180 -2.56 -13.32 11.67
CA ALA A 180 -2.42 -12.42 10.52
C ALA A 180 -1.83 -11.09 10.98
N VAL A 181 -2.19 -10.65 12.20
CA VAL A 181 -1.68 -9.40 12.76
C VAL A 181 -0.17 -9.54 12.97
N ALA A 182 0.26 -10.66 13.59
CA ALA A 182 1.66 -10.88 13.90
C ALA A 182 2.47 -11.02 12.60
N ALA A 183 1.93 -11.75 11.63
CA ALA A 183 2.57 -11.92 10.33
C ALA A 183 2.77 -10.55 9.68
N SER A 184 1.73 -9.71 9.74
CA SER A 184 1.78 -8.38 9.12
C SER A 184 2.89 -7.55 9.75
N ILE A 185 3.04 -7.61 11.08
CA ILE A 185 4.07 -6.83 11.76
C ILE A 185 5.45 -7.26 11.26
N GLN A 186 5.68 -8.58 11.16
CA GLN A 186 6.98 -9.11 10.80
C GLN A 186 7.34 -8.73 9.36
N LYS A 187 6.34 -8.68 8.48
CA LYS A 187 6.60 -8.33 7.09
C LYS A 187 6.80 -6.83 6.94
N ILE A 188 6.04 -6.00 7.68
CA ILE A 188 6.24 -4.56 7.66
C ILE A 188 7.64 -4.24 8.17
N GLU A 189 8.11 -4.99 9.17
CA GLU A 189 9.42 -4.73 9.75
C GLU A 189 10.51 -4.83 8.68
N LYS A 190 10.34 -5.72 7.70
CA LYS A 190 11.30 -5.85 6.61
C LYS A 190 11.29 -4.61 5.74
N ILE A 191 10.09 -4.11 5.43
CA ILE A 191 9.94 -2.89 4.64
C ILE A 191 10.56 -1.74 5.42
N LEU A 192 10.30 -1.67 6.73
CA LEU A 192 10.86 -0.61 7.57
C LEU A 192 12.38 -0.65 7.52
N GLN A 193 12.97 -1.86 7.58
CA GLN A 193 14.42 -2.03 7.51
C GLN A 193 14.97 -1.47 6.20
N TRP A 194 14.26 -1.71 5.09
CA TRP A 194 14.68 -1.17 3.80
C TRP A 194 14.72 0.35 3.85
N PHE A 195 13.68 0.97 4.41
CA PHE A 195 13.57 2.43 4.47
C PHE A 195 14.63 3.05 5.40
N GLU A 196 15.14 2.26 6.35
CA GLU A 196 16.17 2.78 7.25
C GLU A 196 17.55 2.60 6.64
N ASN A 197 17.62 1.94 5.47
CA ASN A 197 18.88 1.64 4.81
C ASN A 197 18.90 2.26 3.40
N GLN A 198 18.08 3.30 3.17
CA GLN A 198 18.05 3.98 1.88
C GLN A 198 17.75 5.46 2.07
N LYS A 199 18.39 6.31 1.26
CA LYS A 199 18.13 7.74 1.21
C LYS A 199 18.18 8.22 -0.24
N GLN A 200 17.54 7.46 -1.13
CA GLN A 200 17.53 7.74 -2.57
C GLN A 200 16.12 8.10 -3.04
N LEU A 201 15.10 7.64 -2.30
CA LEU A 201 13.71 7.78 -2.71
C LEU A 201 12.84 8.19 -1.52
N ASN A 202 11.93 9.14 -1.77
CA ASN A 202 10.87 9.49 -0.84
C ASN A 202 9.52 9.21 -1.51
N PHE A 203 8.57 8.70 -0.73
CA PHE A 203 7.31 8.14 -1.24
C PHE A 203 6.12 8.86 -0.62
N TYR A 204 5.34 9.56 -1.45
CA TYR A 204 4.17 10.31 -1.00
C TYR A 204 2.93 9.67 -1.62
N ALA A 205 1.88 9.54 -0.82
CA ALA A 205 0.59 8.98 -1.25
C ALA A 205 0.72 7.56 -1.79
N SER A 206 1.74 6.82 -1.34
N SER A 206 1.71 6.81 -1.28
CA SER A 206 1.86 5.40 -1.66
CA SER A 206 1.90 5.41 -1.61
C SER A 206 1.26 4.55 -0.53
C SER A 206 1.28 4.55 -0.51
N SER A 207 1.01 3.28 -0.82
CA SER A 207 0.24 2.40 0.06
C SER A 207 0.95 1.08 0.37
N LEU A 208 0.51 0.45 1.47
CA LEU A 208 0.75 -0.97 1.73
C LEU A 208 -0.54 -1.74 1.47
N LEU A 209 -0.43 -2.83 0.72
CA LEU A 209 -1.53 -3.74 0.49
C LEU A 209 -1.32 -4.96 1.37
N PHE A 210 -2.26 -5.18 2.29
CA PHE A 210 -2.25 -6.35 3.17
C PHE A 210 -3.23 -7.38 2.64
N VAL A 211 -2.81 -8.65 2.62
CA VAL A 211 -3.68 -9.74 2.22
C VAL A 211 -3.45 -10.91 3.18
N TYR A 212 -4.55 -11.49 3.68
CA TYR A 212 -4.49 -12.76 4.40
C TYR A 212 -5.62 -13.67 3.92
N GLU A 213 -5.54 -14.95 4.30
CA GLU A 213 -6.51 -15.95 3.88
C GLU A 213 -7.70 -15.97 4.83
N GLY A 214 -8.90 -15.71 4.29
CA GLY A 214 -10.12 -15.65 5.09
C GLY A 214 -10.92 -16.96 5.07
N SER A 215 -10.56 -17.87 4.17
CA SER A 215 -11.35 -19.09 3.97
C SER A 215 -11.36 -19.91 5.27
N GLY A 222 3.46 -17.54 4.15
CA GLY A 222 2.52 -18.66 3.91
C GLY A 222 1.19 -18.45 4.64
N GLU A 223 0.65 -17.23 4.54
CA GLU A 223 -0.56 -16.82 5.24
C GLU A 223 -0.85 -15.33 5.04
N VAL A 224 0.18 -14.50 4.85
CA VAL A 224 0.00 -13.06 4.71
C VAL A 224 0.85 -12.50 3.56
N GLU A 225 0.30 -11.51 2.85
CA GLU A 225 1.06 -10.71 1.90
C GLU A 225 1.02 -9.25 2.35
N VAL A 226 2.18 -8.58 2.29
CA VAL A 226 2.28 -7.13 2.44
C VAL A 226 3.19 -6.60 1.34
N ARG A 227 2.63 -5.76 0.45
CA ARG A 227 3.39 -5.21 -0.66
C ARG A 227 3.15 -3.71 -0.77
N MET A 228 4.20 -2.98 -1.15
CA MET A 228 4.11 -1.56 -1.46
C MET A 228 3.49 -1.40 -2.84
N ILE A 229 2.54 -0.45 -2.97
CA ILE A 229 1.87 -0.14 -4.22
C ILE A 229 1.64 1.36 -4.35
N ASP A 230 1.36 1.82 -5.58
CA ASP A 230 0.90 3.16 -5.93
C ASP A 230 2.04 4.18 -5.86
N PHE A 231 2.71 4.40 -7.00
CA PHE A 231 3.98 5.12 -7.03
C PHE A 231 3.93 6.33 -7.97
N ALA A 232 2.81 7.06 -7.96
CA ALA A 232 2.65 8.27 -8.76
C ALA A 232 3.36 9.47 -8.13
N HIS A 233 3.76 9.37 -6.85
CA HIS A 233 4.44 10.48 -6.18
C HIS A 233 5.70 10.01 -5.44
N VAL A 234 6.57 9.29 -6.16
CA VAL A 234 7.88 8.90 -5.65
C VAL A 234 8.92 9.82 -6.28
N PHE A 235 9.82 10.37 -5.44
CA PHE A 235 10.77 11.37 -5.89
C PHE A 235 12.17 11.02 -5.43
N PRO A 236 13.23 11.42 -6.17
CA PRO A 236 14.60 11.28 -5.69
C PRO A 236 14.80 12.14 -4.44
N SER A 237 15.68 11.69 -3.54
CA SER A 237 15.89 12.37 -2.28
C SER A 237 17.35 12.25 -1.83
N ASN A 238 17.70 13.06 -0.82
CA ASN A 238 19.01 13.03 -0.18
C ASN A 238 18.92 12.45 1.22
N THR A 239 17.70 12.23 1.71
CA THR A 239 17.48 11.99 3.14
C THR A 239 16.58 10.77 3.35
N ILE A 240 16.56 10.30 4.60
CA ILE A 240 15.61 9.30 5.08
C ILE A 240 14.20 9.81 4.79
N ASP A 241 13.31 8.89 4.41
CA ASP A 241 11.90 9.23 4.26
C ASP A 241 11.25 9.19 5.65
N GLU A 242 11.42 10.28 6.40
CA GLU A 242 11.06 10.33 7.81
C GLU A 242 9.57 10.10 7.99
N GLY A 243 8.74 10.72 7.14
CA GLY A 243 7.30 10.60 7.22
C GLY A 243 6.81 9.17 7.02
N TYR A 244 7.39 8.48 6.02
CA TYR A 244 7.04 7.10 5.74
C TYR A 244 7.40 6.23 6.95
N VAL A 245 8.61 6.43 7.49
CA VAL A 245 9.10 5.68 8.63
C VAL A 245 8.19 5.89 9.84
N TYR A 246 7.81 7.15 10.11
CA TYR A 246 6.88 7.45 11.19
C TYR A 246 5.61 6.62 11.05
N GLY A 247 5.05 6.62 9.84
CA GLY A 247 3.83 5.88 9.53
C GLY A 247 3.96 4.37 9.75
N LEU A 248 5.03 3.78 9.20
CA LEU A 248 5.30 2.36 9.36
C LEU A 248 5.40 2.01 10.84
N LYS A 249 6.19 2.80 11.57
CA LYS A 249 6.43 2.59 13.00
C LYS A 249 5.10 2.63 13.77
N HIS A 250 4.28 3.63 13.47
CA HIS A 250 3.02 3.83 14.16
C HIS A 250 2.05 2.70 13.83
N LEU A 251 1.97 2.32 12.55
CA LEU A 251 1.12 1.20 12.14
C LEU A 251 1.53 -0.07 12.88
N ILE A 252 2.84 -0.34 12.99
CA ILE A 252 3.33 -1.50 13.72
C ILE A 252 2.88 -1.43 15.19
N SER A 253 2.97 -0.23 15.80
N SER A 253 2.98 -0.23 15.78
CA SER A 253 2.62 -0.06 17.19
CA SER A 253 2.62 -0.03 17.18
C SER A 253 1.13 -0.32 17.43
C SER A 253 1.14 -0.33 17.42
N VAL A 254 0.29 0.06 16.46
CA VAL A 254 -1.13 -0.18 16.53
C VAL A 254 -1.41 -1.69 16.39
N LEU A 255 -0.80 -2.33 15.39
CA LEU A 255 -0.94 -3.77 15.21
C LEU A 255 -0.44 -4.51 16.46
N ARG A 256 0.67 -4.03 17.04
CA ARG A 256 1.23 -4.62 18.25
C ARG A 256 0.20 -4.60 19.38
N SER A 257 -0.51 -3.47 19.52
N SER A 257 -0.51 -3.47 19.51
CA SER A 257 -1.49 -3.31 20.58
CA SER A 257 -1.50 -3.26 20.54
C SER A 257 -2.68 -4.23 20.37
C SER A 257 -2.67 -4.22 20.37
N ILE A 258 -3.02 -4.52 19.11
CA ILE A 258 -4.12 -5.42 18.79
C ILE A 258 -3.81 -6.85 19.28
N LEU A 259 -2.53 -7.22 19.29
CA LEU A 259 -2.12 -8.53 19.80
C LEU A 259 -2.44 -8.69 21.29
N ASP A 260 -2.71 -7.60 22.01
CA ASP A 260 -3.03 -7.69 23.43
C ASP A 260 -4.55 -7.76 23.68
N ASN A 261 -5.36 -7.81 22.61
CA ASN A 261 -6.81 -7.79 22.74
C ASN A 261 -7.28 -9.06 23.45
C1 YHW B . -0.99 -3.41 -7.53
C2 YHW B . -2.16 -2.73 -7.21
C3 YHW B . -3.24 -3.48 -6.76
C11 YHW B . -6.17 -6.79 -6.13
C12 YHW B . -2.02 -5.46 -6.95
C13 YHW B . -2.19 -1.38 -7.32
C4 YHW B . -3.17 -4.83 -6.63
C5 YHW B . -4.04 -5.81 -6.23
C6 YHW B . -5.31 -5.72 -5.82
C7 YHW B . -5.84 -4.65 -5.08
C8 YHW B . -7.17 -4.66 -4.68
N1 YHW B . -1.15 -0.63 -7.71
C9 YHW B . -8.01 -5.72 -5.00
C10 YHW B . -7.51 -6.80 -5.72
N4 YHW B . -3.21 -0.59 -7.00
N3 YHW B . -2.81 0.67 -7.21
N2 YHW B . -1.53 0.65 -7.65
C YHW B . -0.95 -4.78 -7.39
N YHW B . -2.14 -6.77 -6.78
O YHW B . -3.40 -7.00 -6.32
S SO4 C . -16.19 -14.34 10.78
O1 SO4 C . -15.38 -15.08 9.86
O2 SO4 C . -15.59 -13.06 11.04
O3 SO4 C . -17.49 -14.13 10.22
O4 SO4 C . -16.32 -15.07 12.02
#